data_4KMR
#
_entry.id   4KMR
#
_cell.length_a   42.175
_cell.length_b   120.205
_cell.length_c   44.962
_cell.angle_alpha   90.00
_cell.angle_beta   92.59
_cell.angle_gamma   90.00
#
_symmetry.space_group_name_H-M   'P 1 21 1'
#
loop_
_entity.id
_entity.type
_entity.pdbx_description
1 polymer 'Transcriptional regulator, LacI family'
2 non-polymer 'MAGNESIUM ION'
3 non-polymer 'SODIUM ION'
4 water water
#
_entity_poly.entity_id   1
_entity_poly.type   'polypeptide(L)'
_entity_poly.pdbx_seq_one_letter_code
;GRSGVIGLAVPELGQAFFAQLADEVIRVAAEQDLVVLVEQTGGLRERELEALRNPRLSLTDGLLLAPLGLTQDDVLPDPA
GRPLVVLGEPLFPGPVDHVT(MSE)QHEAAARAATEHLLGLGRRRV(MSE)LLGAHATERTGVAALRYAGYREALTAAGL
AVDDDLVVPVETWDRSSGAEA(MSE)ARVLDAGVR(MSE)DAVFA(MSE)NDDLALGALRSLQERGVAVPGDVAL(MSE)
GFDDVADGRYTYPSLTTVEPGRHDIARAAVT(MSE)LSERIADAGTGAIEPRLTAPEFRLVVRESTGG
;
_entity_poly.pdbx_strand_id   A,B
#
# COMPACT_ATOMS: atom_id res chain seq x y z
N GLY A 1 30.42 14.55 6.12
CA GLY A 1 30.95 13.94 4.85
C GLY A 1 29.92 13.08 4.16
N ARG A 2 30.07 12.90 2.86
CA ARG A 2 29.12 12.15 2.10
C ARG A 2 29.08 10.68 2.54
N SER A 3 27.88 10.30 2.87
CA SER A 3 27.53 8.98 3.31
C SER A 3 26.90 8.12 2.22
N GLY A 4 26.40 8.74 1.17
CA GLY A 4 25.64 8.00 0.14
C GLY A 4 24.21 7.63 0.56
N VAL A 5 23.68 8.38 1.54
CA VAL A 5 22.35 8.19 2.06
C VAL A 5 21.52 9.45 1.83
N ILE A 6 20.30 9.28 1.32
CA ILE A 6 19.35 10.38 1.23
C ILE A 6 18.15 10.04 2.13
N GLY A 7 17.49 11.07 2.66
CA GLY A 7 16.30 10.81 3.41
C GLY A 7 15.03 11.05 2.59
N LEU A 8 13.99 10.31 2.93
CA LEU A 8 12.67 10.50 2.36
C LEU A 8 11.71 10.58 3.56
N ALA A 9 11.09 11.75 3.76
CA ALA A 9 10.18 12.00 4.86
C ALA A 9 8.78 12.14 4.26
N VAL A 10 7.92 11.17 4.59
CA VAL A 10 6.56 11.10 4.11
C VAL A 10 5.63 11.00 5.32
N PRO A 11 4.33 11.24 5.11
CA PRO A 11 3.41 11.14 6.26
C PRO A 11 3.40 9.74 6.90
N GLU A 12 3.19 8.71 6.10
CA GLU A 12 3.16 7.31 6.56
C GLU A 12 3.19 6.38 5.35
N LEU A 13 3.86 5.22 5.48
CA LEU A 13 3.87 4.20 4.42
C LEU A 13 2.60 3.39 4.26
N GLY A 14 1.75 3.44 5.26
CA GLY A 14 0.44 2.78 5.22
C GLY A 14 -0.46 3.44 4.18
N GLN A 15 -0.07 4.64 3.72
CA GLN A 15 -0.79 5.34 2.63
C GLN A 15 -0.20 4.85 1.29
N ALA A 16 -1.02 4.19 0.48
CA ALA A 16 -0.52 3.59 -0.76
C ALA A 16 0.23 4.56 -1.65
N PHE A 17 -0.24 5.80 -1.76
CA PHE A 17 0.48 6.74 -2.58
C PHE A 17 1.95 6.90 -2.15
N PHE A 18 2.17 7.05 -0.85
CA PHE A 18 3.52 7.24 -0.35
C PHE A 18 4.35 5.97 -0.39
N ALA A 19 3.73 4.81 -0.16
CA ALA A 19 4.45 3.55 -0.25
C ALA A 19 4.96 3.38 -1.70
N GLN A 20 4.08 3.64 -2.68
CA GLN A 20 4.47 3.48 -4.08
C GLN A 20 5.49 4.52 -4.54
N LEU A 21 5.36 5.73 -4.05
CA LEU A 21 6.36 6.75 -4.35
C LEU A 21 7.74 6.35 -3.75
N ALA A 22 7.73 5.88 -2.50
CA ALA A 22 8.93 5.40 -1.86
C ALA A 22 9.60 4.27 -2.66
N ASP A 23 8.80 3.30 -3.12
CA ASP A 23 9.33 2.19 -3.94
C ASP A 23 10.08 2.79 -5.14
N GLU A 24 9.45 3.78 -5.82
CA GLU A 24 10.09 4.39 -7.01
C GLU A 24 11.40 5.18 -6.63
N VAL A 25 11.37 5.94 -5.54
CA VAL A 25 12.54 6.67 -5.05
C VAL A 25 13.68 5.71 -4.73
N ILE A 26 13.37 4.64 -4.00
CA ILE A 26 14.42 3.66 -3.64
C ILE A 26 15.04 3.07 -4.90
N ARG A 27 14.21 2.70 -5.85
N ARG A 27 14.22 2.68 -5.87
CA ARG A 27 14.70 2.09 -7.09
CA ARG A 27 14.79 2.12 -7.12
C ARG A 27 15.59 3.04 -7.91
C ARG A 27 15.69 3.09 -7.84
N VAL A 28 15.17 4.29 -8.04
CA VAL A 28 15.95 5.27 -8.77
C VAL A 28 17.26 5.58 -8.03
N ALA A 29 17.16 5.79 -6.72
CA ALA A 29 18.36 6.06 -5.95
C ALA A 29 19.39 4.96 -6.09
N ALA A 30 18.91 3.72 -6.12
CA ALA A 30 19.85 2.58 -6.22
C ALA A 30 20.61 2.54 -7.54
N GLU A 31 20.11 3.22 -8.54
CA GLU A 31 20.83 3.30 -9.81
C GLU A 31 22.06 4.14 -9.72
N GLN A 32 22.20 4.99 -8.70
CA GLN A 32 23.39 5.79 -8.53
C GLN A 32 23.98 5.53 -7.15
N ASP A 33 23.83 4.28 -6.75
CA ASP A 33 24.17 3.66 -5.50
C ASP A 33 24.01 4.47 -4.23
N LEU A 34 22.87 5.14 -4.17
CA LEU A 34 22.44 5.80 -2.94
C LEU A 34 21.47 4.84 -2.24
N VAL A 35 21.36 4.95 -0.93
CA VAL A 35 20.39 4.21 -0.13
C VAL A 35 19.47 5.26 0.53
N VAL A 36 18.32 4.82 0.99
CA VAL A 36 17.28 5.69 1.44
C VAL A 36 16.83 5.41 2.86
N LEU A 37 16.96 6.46 3.68
CA LEU A 37 16.44 6.48 5.07
C LEU A 37 14.99 6.97 5.00
N VAL A 38 14.02 6.14 5.39
CA VAL A 38 12.61 6.54 5.32
C VAL A 38 12.13 6.94 6.73
N GLU A 39 11.64 8.18 6.83
N GLU A 39 11.64 8.19 6.82
CA GLU A 39 11.10 8.75 8.03
CA GLU A 39 11.16 8.82 8.04
C GLU A 39 9.63 8.96 7.78
C GLU A 39 9.68 9.18 7.86
N GLN A 40 8.87 8.88 8.88
CA GLN A 40 7.41 9.15 8.83
C GLN A 40 7.17 10.40 9.71
N THR A 41 6.38 11.31 9.19
CA THR A 41 6.07 12.58 9.86
C THR A 41 4.64 12.66 10.37
N GLY A 42 3.79 11.73 9.96
CA GLY A 42 2.37 11.76 10.28
C GLY A 42 1.69 12.97 9.64
N GLY A 43 2.37 13.67 8.73
CA GLY A 43 1.78 14.89 8.15
C GLY A 43 1.71 16.06 9.17
N LEU A 44 2.48 15.98 10.26
CA LEU A 44 2.48 17.02 11.33
C LEU A 44 3.57 18.04 11.08
N ARG A 45 3.21 19.32 11.16
CA ARG A 45 4.20 20.35 10.87
C ARG A 45 5.41 20.27 11.75
N GLU A 46 5.23 19.93 13.03
CA GLU A 46 6.34 19.89 13.96
C GLU A 46 7.32 18.79 13.54
N ARG A 47 6.80 17.65 13.09
CA ARG A 47 7.65 16.55 12.64
C ARG A 47 8.36 16.84 11.30
N GLU A 48 7.71 17.61 10.45
CA GLU A 48 8.30 18.01 9.18
C GLU A 48 9.50 18.95 9.47
N LEU A 49 9.31 19.90 10.39
CA LEU A 49 10.36 20.80 10.79
C LEU A 49 11.53 20.04 11.40
N GLU A 50 11.23 19.03 12.23
CA GLU A 50 12.29 18.22 12.87
C GLU A 50 13.14 17.49 11.80
N ALA A 51 12.48 17.01 10.77
CA ALA A 51 13.22 16.32 9.68
C ALA A 51 14.28 17.18 9.03
N LEU A 52 14.02 18.47 8.94
CA LEU A 52 14.99 19.39 8.38
C LEU A 52 16.17 19.75 9.29
N ARG A 53 15.95 19.84 10.60
CA ARG A 53 17.03 20.32 11.47
C ARG A 53 17.60 19.42 12.57
N ASN A 54 16.86 18.39 12.95
CA ASN A 54 17.31 17.53 14.07
C ASN A 54 18.49 16.62 13.66
N PRO A 55 19.46 16.42 14.58
CA PRO A 55 20.60 15.53 14.27
C PRO A 55 20.21 14.05 14.06
N ARG A 56 18.95 13.73 14.33
CA ARG A 56 18.45 12.38 14.09
C ARG A 56 18.74 11.94 12.66
N LEU A 57 18.62 12.85 11.68
CA LEU A 57 18.87 12.54 10.29
C LEU A 57 20.22 13.01 9.77
N SER A 58 21.20 13.09 10.69
CA SER A 58 22.55 13.52 10.32
C SER A 58 23.25 12.55 9.35
N LEU A 59 22.84 11.28 9.28
CA LEU A 59 23.45 10.39 8.35
C LEU A 59 23.16 10.80 6.90
N THR A 60 22.07 11.53 6.70
CA THR A 60 21.67 11.88 5.34
C THR A 60 22.49 13.01 4.75
N ASP A 61 22.72 12.89 3.44
CA ASP A 61 23.39 13.91 2.64
C ASP A 61 22.39 14.98 2.17
N GLY A 62 21.12 14.63 2.09
CA GLY A 62 20.07 15.52 1.70
C GLY A 62 18.71 14.88 1.98
N LEU A 63 17.64 15.65 1.82
CA LEU A 63 16.30 15.21 2.11
C LEU A 63 15.27 15.49 1.05
N LEU A 64 14.43 14.48 0.82
CA LEU A 64 13.20 14.63 0.01
C LEU A 64 12.08 14.71 1.04
N LEU A 65 11.31 15.79 1.02
CA LEU A 65 10.25 16.00 2.01
C LEU A 65 8.91 16.12 1.30
N ALA A 66 7.92 15.33 1.72
CA ALA A 66 6.53 15.47 1.23
C ALA A 66 5.71 16.10 2.36
N PRO A 67 5.59 17.44 2.36
CA PRO A 67 4.90 18.07 3.41
C PRO A 67 3.39 18.12 3.26
N LEU A 68 2.74 18.07 4.41
CA LEU A 68 1.29 18.20 4.47
C LEU A 68 0.90 19.26 5.48
N GLY A 69 1.56 19.31 6.64
CA GLY A 69 1.18 20.27 7.68
C GLY A 69 1.78 21.65 7.51
N LEU A 70 2.95 21.72 6.87
CA LEU A 70 3.55 23.04 6.66
C LEU A 70 2.82 23.89 5.63
N THR A 71 2.98 25.20 5.77
CA THR A 71 2.44 26.18 4.83
C THR A 71 3.26 27.45 4.98
N ASP A 73 6.19 30.10 8.58
CA ASP A 73 7.54 30.44 9.02
C ASP A 73 8.44 29.22 8.87
N ASP A 74 9.30 29.25 7.84
CA ASP A 74 10.18 28.12 7.53
C ASP A 74 11.64 28.25 7.93
N VAL A 75 12.18 27.08 8.29
CA VAL A 75 13.57 26.87 8.71
C VAL A 75 14.53 27.89 8.09
N ARG A 82 21.15 21.06 5.32
CA ARG A 82 20.53 19.87 4.72
C ARG A 82 19.85 20.24 3.31
N PRO A 83 20.54 19.92 2.21
CA PRO A 83 20.06 20.09 0.85
C PRO A 83 18.64 19.49 0.83
N LEU A 84 17.73 20.12 0.13
CA LEU A 84 16.33 19.79 0.18
C LEU A 84 15.60 19.90 -1.17
N VAL A 85 14.80 18.87 -1.46
CA VAL A 85 13.84 18.91 -2.57
C VAL A 85 12.48 18.56 -1.94
N VAL A 86 11.47 19.36 -2.24
CA VAL A 86 10.14 19.18 -1.74
C VAL A 86 9.24 18.52 -2.76
N LEU A 87 8.52 17.48 -2.33
CA LEU A 87 7.52 16.79 -3.16
C LEU A 87 6.20 17.42 -2.85
N GLY A 88 5.89 18.48 -3.58
CA GLY A 88 4.68 19.21 -3.41
C GLY A 88 4.75 20.57 -4.10
N GLU A 89 3.68 21.33 -3.95
CA GLU A 89 3.61 22.70 -4.49
C GLU A 89 4.66 23.65 -3.87
N PRO A 90 4.96 24.76 -4.55
CA PRO A 90 5.90 25.73 -4.02
C PRO A 90 5.55 26.09 -2.56
N LEU A 91 6.58 26.07 -1.75
CA LEU A 91 6.50 26.24 -0.31
C LEU A 91 7.75 26.95 0.28
N PHE A 92 8.92 26.37 0.11
CA PHE A 92 10.16 26.93 0.64
C PHE A 92 10.80 27.95 -0.27
N PRO A 93 11.35 29.00 0.34
CA PRO A 93 12.12 29.96 -0.45
C PRO A 93 13.56 29.46 -0.59
N GLY A 94 14.40 30.24 -1.30
CA GLY A 94 15.80 29.89 -1.45
C GLY A 94 16.15 28.73 -2.37
N PRO A 95 17.33 28.13 -2.14
CA PRO A 95 17.89 27.08 -3.01
C PRO A 95 17.28 25.71 -2.81
N VAL A 96 16.00 25.63 -3.10
CA VAL A 96 15.18 24.43 -2.94
C VAL A 96 14.41 24.19 -4.21
N ASP A 97 14.31 22.94 -4.62
CA ASP A 97 13.50 22.59 -5.79
C ASP A 97 12.21 21.96 -5.32
N HIS A 98 11.15 22.09 -6.12
CA HIS A 98 9.84 21.50 -5.83
C HIS A 98 9.40 20.69 -7.02
N VAL A 99 8.94 19.47 -6.76
CA VAL A 99 8.42 18.57 -7.78
C VAL A 99 6.96 18.27 -7.37
N THR A 100 6.04 18.62 -8.25
CA THR A 100 4.63 18.50 -7.98
C THR A 100 3.96 17.69 -9.09
N GLN A 102 0.53 17.68 -12.02
CA GLN A 102 -0.26 18.64 -12.80
C GLN A 102 -1.73 18.62 -12.32
N HIS A 103 -1.93 19.08 -11.10
CA HIS A 103 -3.26 19.06 -10.48
C HIS A 103 -4.37 19.69 -11.29
N GLU A 104 -4.17 20.91 -11.74
CA GLU A 104 -5.21 21.61 -12.51
C GLU A 104 -5.50 20.93 -13.87
N ALA A 105 -4.47 20.67 -14.67
CA ALA A 105 -4.65 20.08 -16.00
C ALA A 105 -5.28 18.70 -15.89
N ALA A 106 -4.86 17.93 -14.92
CA ALA A 106 -5.39 16.56 -14.73
C ALA A 106 -6.85 16.60 -14.29
N ALA A 107 -7.19 17.54 -13.41
CA ALA A 107 -8.59 17.67 -12.95
C ALA A 107 -9.48 18.12 -14.09
N ARG A 108 -8.98 19.03 -14.95
CA ARG A 108 -9.75 19.42 -16.10
C ARG A 108 -9.98 18.24 -17.05
N ALA A 109 -8.93 17.44 -17.30
CA ALA A 109 -9.06 16.28 -18.22
C ALA A 109 -9.99 15.21 -17.61
N ALA A 110 -9.95 15.03 -16.28
CA ALA A 110 -10.81 14.03 -15.62
C ALA A 110 -12.27 14.45 -15.76
N THR A 111 -12.54 15.72 -15.52
CA THR A 111 -13.89 16.25 -15.60
C THR A 111 -14.40 16.21 -17.03
N GLU A 112 -13.53 16.56 -17.99
CA GLU A 112 -13.88 16.45 -19.42
C GLU A 112 -14.26 15.01 -19.78
N HIS A 113 -13.52 14.05 -19.23
CA HIS A 113 -13.85 12.64 -19.49
C HIS A 113 -15.25 12.30 -19.04
N LEU A 114 -15.60 12.73 -17.83
CA LEU A 114 -16.95 12.42 -17.31
C LEU A 114 -18.03 13.13 -18.11
N LEU A 115 -17.80 14.39 -18.46
CA LEU A 115 -18.77 15.15 -19.24
C LEU A 115 -18.90 14.51 -20.64
N GLY A 116 -17.81 13.95 -21.19
CA GLY A 116 -17.83 13.32 -22.49
C GLY A 116 -18.63 12.05 -22.55
N LEU A 117 -18.92 11.45 -21.39
CA LEU A 117 -19.78 10.27 -21.31
C LEU A 117 -21.26 10.65 -21.32
N GLY A 118 -21.54 11.95 -21.27
CA GLY A 118 -22.89 12.46 -21.24
C GLY A 118 -23.38 12.65 -19.81
N ARG A 119 -22.48 12.71 -18.85
CA ARG A 119 -22.86 12.94 -17.45
C ARG A 119 -22.86 14.47 -17.24
N ARG A 120 -23.85 14.95 -16.52
CA ARG A 120 -24.02 16.39 -16.36
C ARG A 120 -24.14 16.91 -14.94
N ARG A 121 -24.09 16.00 -13.96
N ARG A 121 -24.01 15.98 -14.01
CA ARG A 121 -24.10 16.40 -12.55
CA ARG A 121 -24.05 16.28 -12.59
C ARG A 121 -22.90 15.70 -11.89
C ARG A 121 -22.85 15.59 -12.01
N VAL A 122 -21.73 16.29 -12.08
CA VAL A 122 -20.48 15.75 -11.62
C VAL A 122 -20.08 16.20 -10.23
N LEU A 124 -17.59 16.55 -7.10
CA LEU A 124 -16.19 16.61 -6.75
C LEU A 124 -16.13 16.21 -5.26
N LEU A 125 -15.59 15.01 -5.01
CA LEU A 125 -15.49 14.46 -3.65
C LEU A 125 -14.09 14.66 -3.10
N GLY A 126 -14.00 15.55 -2.11
CA GLY A 126 -12.75 15.88 -1.44
C GLY A 126 -12.31 17.31 -1.46
N ALA A 127 -13.22 18.25 -1.76
CA ALA A 127 -12.89 19.69 -1.73
C ALA A 127 -14.06 20.47 -1.11
N HIS A 128 -13.76 21.58 -0.44
CA HIS A 128 -14.77 22.42 0.18
C HIS A 128 -15.51 23.26 -0.88
N ALA A 129 -16.82 23.49 -0.69
CA ALA A 129 -17.58 24.21 -1.70
C ALA A 129 -17.34 25.72 -1.72
N THR A 130 -16.86 26.31 -0.62
CA THR A 130 -16.68 27.76 -0.57
C THR A 130 -15.30 28.28 -0.13
N GLU A 131 -14.55 27.51 0.67
CA GLU A 131 -13.21 27.94 1.17
C GLU A 131 -12.18 26.79 1.00
N ARG A 132 -11.29 26.95 0.02
CA ARG A 132 -10.29 25.93 -0.31
C ARG A 132 -8.91 26.52 -0.26
N THR A 133 -7.92 25.64 -0.12
CA THR A 133 -6.49 26.01 -0.13
C THR A 133 -5.67 24.98 -0.96
N GLY A 134 -4.45 25.36 -1.36
CA GLY A 134 -3.50 24.52 -2.12
C GLY A 134 -3.91 23.54 -3.24
N VAL A 135 -3.61 22.27 -3.03
CA VAL A 135 -3.92 21.25 -4.03
C VAL A 135 -5.40 21.23 -4.38
N ALA A 136 -6.24 21.23 -3.35
CA ALA A 136 -7.70 21.21 -3.57
C ALA A 136 -8.13 22.39 -4.44
N ALA A 137 -7.53 23.55 -4.23
CA ALA A 137 -7.84 24.74 -5.00
C ALA A 137 -7.49 24.56 -6.47
N LEU A 138 -6.35 23.92 -6.75
CA LEU A 138 -5.94 23.67 -8.15
C LEU A 138 -6.85 22.64 -8.80
N ARG A 139 -7.19 21.57 -8.08
CA ARG A 139 -8.14 20.56 -8.63
C ARG A 139 -9.48 21.21 -8.94
N TYR A 140 -9.97 22.02 -8.00
CA TYR A 140 -11.25 22.71 -8.18
C TYR A 140 -11.22 23.60 -9.44
N ALA A 141 -10.11 24.34 -9.65
CA ALA A 141 -9.99 25.24 -10.79
C ALA A 141 -10.12 24.46 -12.11
N GLY A 142 -9.54 23.26 -12.20
CA GLY A 142 -9.62 22.46 -13.42
C GLY A 142 -11.05 21.95 -13.63
N TYR A 143 -11.63 21.42 -12.56
CA TYR A 143 -13.02 21.00 -12.56
C TYR A 143 -13.98 22.12 -13.06
N ARG A 144 -13.84 23.29 -12.48
CA ARG A 144 -14.70 24.43 -12.81
C ARG A 144 -14.52 24.83 -14.27
N GLU A 145 -13.27 24.86 -14.75
N GLU A 145 -13.27 24.86 -14.77
CA GLU A 145 -12.97 25.18 -16.16
CA GLU A 145 -13.03 25.23 -16.19
C GLU A 145 -13.79 24.24 -17.07
C GLU A 145 -13.68 24.22 -17.16
N ALA A 146 -13.68 22.94 -16.78
CA ALA A 146 -14.36 21.93 -17.60
C ALA A 146 -15.86 22.16 -17.60
N LEU A 147 -16.45 22.38 -16.40
CA LEU A 147 -17.91 22.60 -16.34
C LEU A 147 -18.30 23.83 -17.15
N THR A 148 -17.55 24.93 -17.01
CA THR A 148 -17.89 26.18 -17.75
C THR A 148 -17.86 25.93 -19.26
N ALA A 149 -16.86 25.17 -19.70
CA ALA A 149 -16.73 24.84 -21.13
C ALA A 149 -17.90 24.03 -21.69
N ALA A 150 -18.59 23.32 -20.80
CA ALA A 150 -19.75 22.52 -21.14
C ALA A 150 -21.09 23.26 -20.83
N GLY A 151 -21.02 24.58 -20.56
CA GLY A 151 -22.26 25.36 -20.35
C GLY A 151 -22.91 25.13 -18.97
N LEU A 152 -22.12 24.64 -18.00
CA LEU A 152 -22.63 24.36 -16.65
C LEU A 152 -22.03 25.28 -15.60
N ALA A 153 -22.83 25.59 -14.60
CA ALA A 153 -22.36 26.35 -13.44
C ALA A 153 -22.07 25.33 -12.31
N VAL A 154 -21.13 25.66 -11.44
N VAL A 154 -21.12 25.66 -11.42
CA VAL A 154 -20.90 24.81 -10.29
CA VAL A 154 -20.87 24.85 -10.22
C VAL A 154 -22.17 24.85 -9.39
C VAL A 154 -22.06 24.89 -9.26
N ASP A 155 -22.45 23.71 -8.78
CA ASP A 155 -23.55 23.55 -7.82
C ASP A 155 -22.87 23.16 -6.49
N ASP A 156 -22.97 24.03 -5.47
CA ASP A 156 -22.31 23.76 -4.20
C ASP A 156 -22.71 22.37 -3.59
N ASP A 157 -23.90 21.84 -3.90
CA ASP A 157 -24.27 20.52 -3.34
C ASP A 157 -23.39 19.41 -3.90
N LEU A 158 -22.78 19.67 -5.06
CA LEU A 158 -21.92 18.73 -5.71
C LEU A 158 -20.45 18.79 -5.35
N VAL A 159 -20.09 19.76 -4.49
CA VAL A 159 -18.69 19.93 -4.07
C VAL A 159 -18.67 19.54 -2.58
N VAL A 160 -18.08 18.37 -2.31
CA VAL A 160 -18.19 17.73 -1.01
C VAL A 160 -16.85 17.64 -0.29
N PRO A 161 -16.70 18.42 0.80
CA PRO A 161 -15.40 18.34 1.49
C PRO A 161 -15.26 17.05 2.30
N VAL A 162 -14.00 16.64 2.48
CA VAL A 162 -13.64 15.45 3.26
C VAL A 162 -12.35 15.85 3.96
N GLU A 163 -12.35 15.66 5.27
CA GLU A 163 -11.25 16.00 6.21
C GLU A 163 -9.89 15.33 5.91
N THR A 164 -9.97 14.06 5.61
CA THR A 164 -8.84 13.23 5.32
C THR A 164 -9.15 12.46 4.03
N TRP A 165 -8.16 12.40 3.11
CA TRP A 165 -8.42 11.67 1.85
C TRP A 165 -8.10 10.21 1.98
N ASP A 166 -8.99 9.50 2.68
CA ASP A 166 -8.85 8.08 2.95
C ASP A 166 -10.13 7.30 2.63
N ARG A 167 -10.05 5.98 2.70
N ARG A 167 -10.06 5.97 2.64
CA ARG A 167 -11.16 5.12 2.33
CA ARG A 167 -11.25 5.17 2.28
C ARG A 167 -12.39 5.30 3.20
C ARG A 167 -12.42 5.37 3.20
N SER A 168 -12.16 5.31 4.50
CA SER A 168 -13.25 5.43 5.43
C SER A 168 -13.94 6.80 5.29
N SER A 169 -13.18 7.86 5.07
CA SER A 169 -13.77 9.18 4.91
C SER A 169 -14.56 9.33 3.62
N GLY A 170 -14.06 8.71 2.55
CA GLY A 170 -14.82 8.73 1.31
C GLY A 170 -16.09 7.94 1.41
N ALA A 171 -16.05 6.79 2.09
CA ALA A 171 -17.27 6.01 2.30
C ALA A 171 -18.29 6.81 3.11
N GLU A 172 -17.83 7.45 4.17
CA GLU A 172 -18.72 8.22 5.07
C GLU A 172 -19.40 9.35 4.31
N ALA A 173 -18.59 10.14 3.60
CA ALA A 173 -19.11 11.30 2.93
C ALA A 173 -20.05 10.91 1.81
N ALA A 175 -21.84 8.14 1.46
CA ALA A 175 -23.08 7.66 2.08
C ALA A 175 -23.97 8.81 2.58
N ARG A 176 -23.35 9.81 3.18
CA ARG A 176 -24.10 10.91 3.74
C ARG A 176 -24.77 11.76 2.69
N VAL A 177 -24.06 12.06 1.60
CA VAL A 177 -24.69 12.90 0.57
C VAL A 177 -25.75 12.11 -0.23
N LEU A 178 -25.53 10.82 -0.42
CA LEU A 178 -26.54 10.01 -1.08
C LEU A 178 -27.79 9.97 -0.24
N ASP A 179 -27.63 9.73 1.05
CA ASP A 179 -28.78 9.63 1.92
C ASP A 179 -29.50 11.01 2.08
N ALA A 180 -28.77 12.11 1.93
CA ALA A 180 -29.36 13.46 1.97
C ALA A 180 -30.13 13.81 0.71
N GLY A 181 -30.13 12.91 -0.27
CA GLY A 181 -30.88 13.12 -1.50
C GLY A 181 -30.16 13.90 -2.60
N VAL A 182 -28.85 14.11 -2.48
CA VAL A 182 -28.14 14.82 -3.55
C VAL A 182 -28.12 13.88 -4.79
N ARG A 183 -28.47 14.44 -5.96
CA ARG A 183 -28.50 13.71 -7.23
C ARG A 183 -27.29 14.04 -8.07
N ASP A 185 -24.65 12.13 -11.27
CA ASP A 185 -24.47 11.06 -12.27
C ASP A 185 -23.02 10.70 -12.47
N ALA A 186 -22.13 11.35 -11.74
CA ALA A 186 -20.71 11.01 -11.80
C ALA A 186 -20.04 11.55 -10.54
N VAL A 187 -18.94 10.92 -10.15
CA VAL A 187 -18.16 11.33 -9.01
C VAL A 187 -16.68 11.31 -9.40
N PHE A 188 -16.03 12.46 -9.22
CA PHE A 188 -14.55 12.58 -9.37
C PHE A 188 -14.02 12.73 -7.94
N ALA A 189 -13.40 11.67 -7.43
CA ALA A 189 -12.83 11.67 -6.12
C ALA A 189 -11.35 12.10 -6.17
N ASN A 191 -8.66 11.15 -4.68
CA ASN A 191 -7.68 10.07 -4.77
C ASN A 191 -8.39 8.75 -4.83
N ASP A 192 -7.65 7.69 -5.18
CA ASP A 192 -8.25 6.36 -5.34
C ASP A 192 -8.84 5.86 -4.04
N ASP A 193 -8.22 6.19 -2.92
CA ASP A 193 -8.75 5.74 -1.59
C ASP A 193 -10.14 6.32 -1.40
N LEU A 194 -10.29 7.63 -1.55
CA LEU A 194 -11.63 8.20 -1.52
C LEU A 194 -12.59 7.49 -2.46
N ALA A 195 -12.16 7.26 -3.69
CA ALA A 195 -13.02 6.63 -4.69
C ALA A 195 -13.50 5.26 -4.30
N LEU A 196 -12.62 4.47 -3.73
CA LEU A 196 -13.03 3.12 -3.38
C LEU A 196 -13.92 3.07 -2.15
N GLY A 197 -13.74 4.03 -1.25
CA GLY A 197 -14.67 4.19 -0.13
C GLY A 197 -16.04 4.60 -0.69
N ALA A 198 -16.04 5.52 -1.65
CA ALA A 198 -17.27 5.92 -2.28
C ALA A 198 -17.94 4.76 -2.98
N LEU A 199 -17.14 3.96 -3.67
CA LEU A 199 -17.67 2.80 -4.38
C LEU A 199 -18.45 1.87 -3.45
N ARG A 200 -17.91 1.62 -2.27
CA ARG A 200 -18.62 0.78 -1.33
C ARG A 200 -19.96 1.39 -0.97
N SER A 201 -19.96 2.68 -0.65
CA SER A 201 -21.23 3.31 -0.24
C SER A 201 -22.26 3.28 -1.36
N LEU A 202 -21.79 3.44 -2.62
CA LEU A 202 -22.67 3.36 -3.78
C LEU A 202 -23.22 1.96 -3.92
N GLN A 203 -22.35 0.97 -3.79
CA GLN A 203 -22.81 -0.43 -4.00
C GLN A 203 -23.75 -0.92 -2.94
N GLU A 204 -23.48 -0.48 -1.72
CA GLU A 204 -24.33 -0.90 -0.58
C GLU A 204 -25.74 -0.31 -0.68
N ARG A 205 -25.89 0.76 -1.46
CA ARG A 205 -27.18 1.41 -1.71
C ARG A 205 -27.84 0.99 -3.05
N GLY A 206 -27.20 0.03 -3.72
CA GLY A 206 -27.66 -0.50 -4.99
C GLY A 206 -27.55 0.44 -6.20
N VAL A 207 -26.62 1.40 -6.12
CA VAL A 207 -26.45 2.35 -7.19
C VAL A 207 -25.49 1.72 -8.21
N ALA A 208 -25.90 1.62 -9.46
CA ALA A 208 -25.07 0.99 -10.51
C ALA A 208 -23.90 1.89 -10.89
N VAL A 209 -22.72 1.31 -10.95
CA VAL A 209 -21.53 2.01 -11.34
C VAL A 209 -20.98 1.23 -12.55
N PRO A 210 -20.92 1.87 -13.75
CA PRO A 210 -21.22 3.25 -14.09
C PRO A 210 -22.64 3.58 -14.58
N GLY A 211 -23.55 2.62 -14.60
CA GLY A 211 -24.88 2.83 -15.12
C GLY A 211 -25.65 4.03 -14.59
N ASP A 212 -25.65 4.17 -13.27
CA ASP A 212 -26.26 5.32 -12.62
C ASP A 212 -25.24 6.43 -12.30
N VAL A 213 -24.08 6.03 -11.77
CA VAL A 213 -23.04 6.98 -11.38
C VAL A 213 -21.69 6.49 -11.85
N ALA A 214 -21.06 7.30 -12.71
CA ALA A 214 -19.70 6.99 -13.20
C ALA A 214 -18.76 7.48 -12.10
N LEU A 215 -17.69 6.75 -11.84
CA LEU A 215 -16.78 7.02 -10.72
C LEU A 215 -15.33 6.97 -11.17
N GLY A 217 -11.11 7.98 -9.66
CA GLY A 217 -10.15 8.46 -8.65
C GLY A 217 -9.02 9.23 -9.27
N PHE A 218 -7.92 9.23 -8.56
CA PHE A 218 -6.73 9.95 -8.95
C PHE A 218 -5.53 9.32 -8.15
N ASP A 219 -4.45 8.98 -8.82
CA ASP A 219 -3.15 8.49 -8.32
C ASP A 219 -2.75 7.16 -8.91
N ASP A 220 -3.73 6.34 -9.28
CA ASP A 220 -3.50 5.00 -9.77
C ASP A 220 -2.68 4.16 -8.80
N VAL A 221 -3.09 4.13 -7.55
CA VAL A 221 -2.36 3.34 -6.56
C VAL A 221 -3.18 2.27 -5.87
N ALA A 222 -4.46 2.15 -6.22
CA ALA A 222 -5.33 1.16 -5.61
C ALA A 222 -5.47 -0.16 -6.31
N ASP A 223 -4.57 -0.47 -7.25
CA ASP A 223 -4.59 -1.73 -8.05
C ASP A 223 -5.98 -1.79 -8.70
N GLY A 224 -6.36 -0.67 -9.30
CA GLY A 224 -7.69 -0.51 -9.89
C GLY A 224 -8.06 -1.43 -11.01
N ARG A 225 -7.10 -2.12 -11.64
CA ARG A 225 -7.48 -3.15 -12.62
C ARG A 225 -8.26 -4.26 -11.99
N TYR A 226 -8.10 -4.43 -10.67
CA TYR A 226 -8.68 -5.61 -9.97
C TYR A 226 -9.82 -5.31 -9.01
N THR A 227 -10.25 -4.04 -8.94
CA THR A 227 -11.50 -3.73 -8.25
C THR A 227 -12.66 -4.16 -9.18
N TYR A 228 -13.88 -4.14 -8.65
CA TYR A 228 -15.07 -4.45 -9.41
C TYR A 228 -16.20 -3.43 -9.13
N PRO A 229 -16.51 -2.59 -10.13
CA PRO A 229 -15.88 -2.47 -11.45
C PRO A 229 -14.41 -2.01 -11.31
N SER A 230 -13.61 -2.26 -12.36
CA SER A 230 -12.27 -1.73 -12.39
C SER A 230 -12.36 -0.19 -12.38
N LEU A 231 -11.40 0.44 -11.73
CA LEU A 231 -11.48 1.86 -11.44
C LEU A 231 -10.72 2.76 -12.39
N THR A 232 -11.47 3.65 -13.01
CA THR A 232 -10.87 4.74 -13.80
C THR A 232 -10.08 5.67 -12.87
N THR A 233 -8.92 6.14 -13.32
CA THR A 233 -8.06 6.94 -12.47
C THR A 233 -7.13 7.78 -13.34
N VAL A 234 -6.25 8.51 -12.66
CA VAL A 234 -5.24 9.33 -13.29
C VAL A 234 -3.86 8.91 -12.76
N GLU A 235 -2.95 8.53 -13.65
CA GLU A 235 -1.58 8.25 -13.25
C GLU A 235 -0.88 9.62 -13.30
N PRO A 236 -0.38 10.11 -12.15
CA PRO A 236 0.19 11.46 -12.14
C PRO A 236 1.64 11.60 -12.46
N GLY A 237 2.29 10.52 -12.82
CA GLY A 237 3.68 10.53 -13.20
C GLY A 237 4.65 10.14 -12.10
N ARG A 238 4.29 9.17 -11.26
CA ARG A 238 5.21 8.75 -10.17
C ARG A 238 6.62 8.43 -10.56
N HIS A 239 6.82 7.74 -11.68
N HIS A 239 6.83 7.75 -11.69
CA HIS A 239 8.19 7.39 -12.07
CA HIS A 239 8.19 7.39 -12.09
C HIS A 239 8.99 8.67 -12.34
C HIS A 239 9.00 8.65 -12.39
N ASP A 240 8.37 9.60 -13.06
CA ASP A 240 9.01 10.86 -13.43
C ASP A 240 9.23 11.75 -12.18
N ILE A 241 8.28 11.72 -11.26
CA ILE A 241 8.43 12.46 -10.02
C ILE A 241 9.67 11.98 -9.25
N ALA A 242 9.78 10.65 -9.09
CA ALA A 242 10.91 10.11 -8.40
C ALA A 242 12.23 10.44 -9.06
N ARG A 243 12.31 10.27 -10.38
CA ARG A 243 13.55 10.55 -11.09
C ARG A 243 13.94 12.00 -10.95
N ALA A 244 12.97 12.91 -11.13
CA ALA A 244 13.28 14.33 -11.05
C ALA A 244 13.74 14.69 -9.64
N ALA A 245 13.05 14.15 -8.63
CA ALA A 245 13.39 14.47 -7.25
C ALA A 245 14.81 14.03 -6.89
N VAL A 246 15.13 12.78 -7.21
CA VAL A 246 16.44 12.23 -6.87
C VAL A 246 17.55 12.97 -7.67
N THR A 247 17.29 13.26 -8.95
CA THR A 247 18.28 13.95 -9.77
C THR A 247 18.57 15.36 -9.22
N LEU A 249 18.00 16.50 -6.18
CA LEU A 249 18.64 16.42 -4.86
C LEU A 249 20.12 16.10 -5.01
N SER A 250 20.47 15.19 -5.92
N SER A 250 20.46 15.19 -5.93
CA SER A 250 21.88 14.86 -6.12
CA SER A 250 21.85 14.83 -6.13
C SER A 250 22.66 16.09 -6.56
C SER A 250 22.65 16.07 -6.58
N GLU A 251 22.05 16.91 -7.42
CA GLU A 251 22.67 18.13 -7.88
C GLU A 251 22.90 19.10 -6.71
N ARG A 252 21.91 19.21 -5.82
CA ARG A 252 21.96 20.10 -4.65
C ARG A 252 23.05 19.61 -3.65
N ILE A 253 23.19 18.31 -3.50
CA ILE A 253 24.18 17.69 -2.60
C ILE A 253 25.56 18.04 -3.12
N ALA A 254 25.72 17.95 -4.46
CA ALA A 254 26.99 18.29 -5.07
C ALA A 254 27.29 19.83 -5.00
N ASP A 255 26.24 20.66 -4.93
CA ASP A 255 26.43 22.11 -4.84
C ASP A 255 26.09 22.73 -3.45
N ALA A 256 26.12 21.94 -2.38
CA ALA A 256 25.77 22.44 -1.03
C ALA A 256 26.67 23.53 -0.46
N GLY A 257 27.95 23.50 -0.83
CA GLY A 257 28.91 24.47 -0.35
C GLY A 257 28.68 25.82 -0.98
N THR A 258 27.98 25.79 -2.14
CA THR A 258 27.64 26.99 -2.95
C THR A 258 26.12 27.13 -3.08
N ALA A 260 24.42 27.85 -5.55
CA ALA A 260 24.31 28.61 -6.80
C ALA A 260 23.27 28.13 -7.82
N ILE A 261 22.63 27.01 -7.56
CA ILE A 261 21.64 26.47 -8.49
C ILE A 261 20.29 27.17 -8.26
N GLU A 262 19.75 27.80 -9.31
CA GLU A 262 18.47 28.51 -9.19
C GLU A 262 17.34 27.53 -8.79
N PRO A 263 16.35 28.00 -7.98
CA PRO A 263 15.24 27.13 -7.65
C PRO A 263 14.42 26.77 -8.88
N ARG A 264 14.01 25.51 -8.93
CA ARG A 264 13.22 24.99 -10.03
C ARG A 264 11.92 24.38 -9.52
N LEU A 265 10.94 24.37 -10.42
CA LEU A 265 9.65 23.75 -10.21
C LEU A 265 9.35 22.87 -11.41
N THR A 266 8.92 21.64 -11.15
CA THR A 266 8.49 20.80 -12.26
C THR A 266 7.30 19.96 -11.87
N ALA A 267 6.49 19.60 -12.88
CA ALA A 267 5.31 18.78 -12.71
C ALA A 267 5.25 17.88 -13.95
N PRO A 268 5.43 16.58 -13.77
CA PRO A 268 5.41 15.64 -14.86
C PRO A 268 4.02 15.49 -15.51
N GLU A 269 3.98 14.90 -16.70
CA GLU A 269 2.74 14.67 -17.43
C GLU A 269 1.89 13.61 -16.77
N PHE A 270 0.58 13.82 -16.76
CA PHE A 270 -0.34 12.84 -16.23
C PHE A 270 -0.92 11.97 -17.37
N ARG A 271 -1.56 10.87 -17.05
CA ARG A 271 -2.32 10.10 -18.04
C ARG A 271 -3.61 9.58 -17.42
N LEU A 272 -4.70 9.81 -18.14
CA LEU A 272 -5.97 9.24 -17.75
C LEU A 272 -5.94 7.74 -18.07
N VAL A 273 -6.36 6.94 -17.09
CA VAL A 273 -6.43 5.48 -17.30
C VAL A 273 -7.92 5.08 -17.18
N VAL A 274 -8.55 4.81 -18.31
CA VAL A 274 -10.00 4.54 -18.35
C VAL A 274 -10.28 3.07 -18.16
N ARG A 275 -11.09 2.81 -17.13
CA ARG A 275 -11.49 1.43 -16.80
C ARG A 275 -13.03 1.32 -16.74
N GLU A 276 -13.54 0.25 -16.16
CA GLU A 276 -14.96 -0.02 -16.22
C GLU A 276 -15.85 0.98 -15.52
N SER A 277 -15.35 1.62 -14.46
CA SER A 277 -16.15 2.51 -13.63
C SER A 277 -16.57 3.79 -14.31
N THR A 278 -16.01 4.07 -15.49
CA THR A 278 -16.52 5.18 -16.34
C THR A 278 -16.81 4.70 -17.79
N GLY A 279 -16.95 3.41 -18.00
CA GLY A 279 -17.38 2.92 -19.31
C GLY A 279 -16.44 2.08 -20.11
N GLY A 280 -15.20 1.91 -19.61
CA GLY A 280 -14.22 1.06 -20.25
C GLY A 280 -14.54 -0.43 -19.98
N SER B 3 21.47 8.96 16.75
CA SER B 3 20.56 7.79 16.49
C SER B 3 21.25 6.62 15.80
N GLY B 4 20.92 5.42 16.27
CA GLY B 4 21.38 4.20 15.69
C GLY B 4 20.67 4.00 14.35
N VAL B 5 21.18 3.08 13.58
CA VAL B 5 20.69 2.84 12.22
C VAL B 5 20.43 1.36 11.98
N ILE B 6 19.22 1.03 11.56
CA ILE B 6 18.95 -0.36 11.17
C ILE B 6 18.46 -0.41 9.72
N GLY B 7 18.59 -1.59 9.12
CA GLY B 7 18.08 -1.78 7.80
C GLY B 7 16.82 -2.60 7.81
N LEU B 8 15.97 -2.41 6.82
CA LEU B 8 14.77 -3.21 6.66
C LEU B 8 14.76 -3.59 5.18
N ALA B 9 14.73 -4.90 4.90
CA ALA B 9 14.72 -5.40 3.53
C ALA B 9 13.43 -6.19 3.35
N VAL B 10 12.59 -5.71 2.44
CA VAL B 10 11.31 -6.33 2.13
C VAL B 10 11.20 -6.56 0.65
N PRO B 11 10.21 -7.39 0.21
CA PRO B 11 10.07 -7.59 -1.24
C PRO B 11 9.83 -6.27 -2.00
N GLU B 12 8.82 -5.53 -1.63
CA GLU B 12 8.57 -4.19 -2.24
C GLU B 12 7.56 -3.47 -1.39
N LEU B 13 7.66 -2.16 -1.35
CA LEU B 13 6.69 -1.36 -0.64
C LEU B 13 5.33 -1.26 -1.37
N GLY B 14 5.29 -1.56 -2.66
CA GLY B 14 4.03 -1.56 -3.40
C GLY B 14 3.08 -2.69 -2.98
N GLN B 15 3.56 -3.61 -2.12
CA GLN B 15 2.72 -4.72 -1.56
C GLN B 15 2.17 -4.23 -0.22
N ALA B 16 0.84 -4.10 -0.15
CA ALA B 16 0.19 -3.54 1.02
C ALA B 16 0.62 -4.12 2.39
N PHE B 17 0.78 -5.44 2.46
CA PHE B 17 1.17 -6.05 3.72
C PHE B 17 2.54 -5.52 4.16
N PHE B 18 3.49 -5.46 3.21
CA PHE B 18 4.82 -4.99 3.55
C PHE B 18 4.91 -3.52 3.82
N ALA B 19 4.11 -2.74 3.13
CA ALA B 19 4.09 -1.31 3.45
C ALA B 19 3.55 -1.07 4.89
N GLN B 20 2.48 -1.80 5.27
CA GLN B 20 1.92 -1.69 6.60
C GLN B 20 2.93 -2.17 7.66
N LEU B 21 3.63 -3.27 7.38
CA LEU B 21 4.62 -3.78 8.32
C LEU B 21 5.81 -2.77 8.43
N ALA B 22 6.27 -2.25 7.30
CA ALA B 22 7.33 -1.26 7.28
C ALA B 22 6.94 -0.03 8.11
N ASP B 23 5.72 0.44 7.94
CA ASP B 23 5.22 1.60 8.70
C ASP B 23 5.36 1.29 10.22
N GLU B 24 4.94 0.09 10.65
CA GLU B 24 5.05 -0.28 12.07
C GLU B 24 6.52 -0.34 12.55
N VAL B 25 7.37 -0.97 11.75
CA VAL B 25 8.82 -1.08 12.06
C VAL B 25 9.43 0.28 12.22
N ILE B 26 9.14 1.19 11.31
CA ILE B 26 9.71 2.56 11.36
C ILE B 26 9.23 3.30 12.62
N ARG B 27 7.96 3.07 12.98
CA ARG B 27 7.39 3.71 14.17
C ARG B 27 8.07 3.20 15.44
N VAL B 28 8.22 1.88 15.54
CA VAL B 28 8.87 1.30 16.72
C VAL B 28 10.34 1.73 16.79
N ALA B 29 11.00 1.73 15.64
CA ALA B 29 12.39 2.13 15.60
C ALA B 29 12.50 3.61 16.11
N ALA B 30 11.59 4.50 15.70
CA ALA B 30 11.67 5.90 16.11
C ALA B 30 11.53 6.02 17.63
N GLU B 31 10.65 5.17 18.20
CA GLU B 31 10.48 5.14 19.67
C GLU B 31 11.79 4.80 20.41
N GLN B 32 12.61 3.99 19.74
CA GLN B 32 13.88 3.49 20.25
C GLN B 32 15.13 4.22 19.72
N ASP B 33 14.93 5.42 19.20
CA ASP B 33 16.03 6.29 18.70
C ASP B 33 16.82 5.61 17.60
N LEU B 34 16.09 4.97 16.70
CA LEU B 34 16.70 4.34 15.55
C LEU B 34 16.08 4.91 14.27
N VAL B 35 16.92 5.04 13.23
CA VAL B 35 16.45 5.38 11.88
C VAL B 35 16.53 4.08 11.04
N VAL B 36 15.78 4.06 9.94
CA VAL B 36 15.64 2.85 9.11
C VAL B 36 15.96 3.09 7.64
N LEU B 37 16.93 2.33 7.12
CA LEU B 37 17.33 2.34 5.70
C LEU B 37 16.49 1.22 5.08
N VAL B 38 15.66 1.55 4.09
CA VAL B 38 14.74 0.57 3.50
C VAL B 38 15.23 0.16 2.11
N GLU B 39 15.33 -1.16 1.89
CA GLU B 39 15.69 -1.68 0.60
C GLU B 39 14.65 -2.71 0.16
N GLN B 40 14.60 -2.95 -1.15
CA GLN B 40 13.66 -3.87 -1.73
C GLN B 40 14.40 -5.00 -2.39
N THR B 41 13.85 -6.19 -2.27
CA THR B 41 14.47 -7.36 -2.84
C THR B 41 13.70 -8.08 -3.94
N GLY B 42 12.47 -7.65 -4.18
CA GLY B 42 11.57 -8.33 -5.13
C GLY B 42 11.20 -9.74 -4.73
N GLY B 43 11.52 -10.16 -3.51
CA GLY B 43 11.26 -11.49 -3.05
C GLY B 43 12.12 -12.53 -3.70
N LEU B 44 13.24 -12.10 -4.26
CA LEU B 44 14.12 -13.03 -5.00
C LEU B 44 15.30 -13.50 -4.15
N ARG B 45 15.55 -14.80 -4.15
CA ARG B 45 16.65 -15.34 -3.36
C ARG B 45 17.97 -14.57 -3.48
N GLU B 46 18.42 -14.33 -4.72
CA GLU B 46 19.71 -13.70 -4.95
C GLU B 46 19.75 -12.29 -4.34
N ARG B 47 18.64 -11.57 -4.43
N ARG B 47 18.64 -11.55 -4.40
CA ARG B 47 18.53 -10.21 -3.88
CA ARG B 47 18.64 -10.19 -3.83
C ARG B 47 18.53 -10.25 -2.34
C ARG B 47 18.52 -10.22 -2.30
N GLU B 48 17.82 -11.23 -1.78
CA GLU B 48 17.72 -11.41 -0.30
C GLU B 48 19.10 -11.71 0.30
N LEU B 49 19.83 -12.62 -0.34
CA LEU B 49 21.17 -12.96 0.09
C LEU B 49 22.12 -11.78 -0.08
N GLU B 50 21.95 -11.01 -1.13
CA GLU B 50 22.83 -9.88 -1.32
C GLU B 50 22.67 -8.81 -0.22
N ALA B 51 21.46 -8.66 0.28
CA ALA B 51 21.18 -7.72 1.36
C ALA B 51 22.01 -8.09 2.59
N LEU B 52 22.38 -9.36 2.67
CA LEU B 52 23.19 -9.85 3.78
C LEU B 52 24.72 -9.65 3.63
N ARG B 53 25.22 -9.46 2.41
CA ARG B 53 26.68 -9.42 2.13
C ARG B 53 27.47 -8.13 2.42
N LEU B 59 26.93 1.86 7.52
CA LEU B 59 25.53 2.24 7.46
C LEU B 59 24.72 1.54 8.53
N THR B 60 24.16 0.35 8.29
CA THR B 60 23.31 -0.26 9.30
C THR B 60 24.06 -1.01 10.44
N ASP B 61 23.48 -0.88 11.63
CA ASP B 61 24.00 -1.53 12.84
C ASP B 61 23.41 -2.93 12.96
N GLY B 62 22.30 -3.17 12.27
CA GLY B 62 21.62 -4.43 12.27
C GLY B 62 20.62 -4.44 11.12
N LEU B 63 20.14 -5.63 10.76
CA LEU B 63 19.23 -5.79 9.66
C LEU B 63 18.02 -6.64 10.01
N LEU B 64 16.86 -6.19 9.53
CA LEU B 64 15.60 -6.94 9.61
C LEU B 64 15.22 -7.38 8.21
N LEU B 65 15.31 -8.67 7.95
CA LEU B 65 15.06 -9.23 6.63
C LEU B 65 13.73 -9.95 6.57
N ALA B 66 12.88 -9.64 5.58
CA ALA B 66 11.60 -10.38 5.39
C ALA B 66 11.71 -11.11 4.05
N PRO B 67 12.23 -12.35 4.06
CA PRO B 67 12.40 -13.02 2.79
C PRO B 67 11.17 -13.78 2.33
N LEU B 68 11.08 -13.94 1.02
CA LEU B 68 10.02 -14.78 0.45
C LEU B 68 10.62 -15.91 -0.38
N GLY B 69 11.79 -15.67 -0.95
CA GLY B 69 12.46 -16.60 -1.84
C GLY B 69 13.39 -17.64 -1.26
N LEU B 70 13.69 -17.56 0.04
CA LEU B 70 14.57 -18.51 0.72
C LEU B 70 13.80 -19.69 1.28
N THR B 71 14.37 -20.88 1.16
CA THR B 71 13.78 -22.12 1.70
C THR B 71 14.89 -22.93 2.33
N GLN B 72 14.50 -23.95 3.09
CA GLN B 72 15.45 -24.85 3.74
C GLN B 72 16.44 -25.37 2.69
N ASP B 73 15.88 -25.93 1.62
CA ASP B 73 16.67 -26.52 0.52
C ASP B 73 17.57 -25.49 -0.15
N ALA B 80 27.70 -13.40 8.42
CA ALA B 80 27.94 -11.99 8.67
C ALA B 80 28.25 -11.73 10.15
N GLY B 81 28.93 -10.61 10.41
CA GLY B 81 29.29 -10.18 11.77
C GLY B 81 28.23 -9.21 12.31
N ARG B 82 27.23 -8.90 11.49
CA ARG B 82 26.17 -7.94 11.83
C ARG B 82 24.88 -8.58 12.29
N PRO B 83 24.29 -8.04 13.37
CA PRO B 83 23.05 -8.53 13.94
C PRO B 83 21.97 -8.67 12.90
N LEU B 84 21.21 -9.75 13.01
CA LEU B 84 20.17 -10.06 12.07
C LEU B 84 18.92 -10.67 12.71
N VAL B 85 17.75 -10.13 12.31
CA VAL B 85 16.49 -10.74 12.69
C VAL B 85 15.76 -10.99 11.37
N VAL B 86 15.20 -12.19 11.26
CA VAL B 86 14.48 -12.63 10.07
C VAL B 86 13.01 -12.84 10.36
N LEU B 87 12.15 -12.20 9.56
N LEU B 87 12.20 -12.27 9.50
CA LEU B 87 10.70 -12.41 9.62
CA LEU B 87 10.76 -12.33 9.58
C LEU B 87 10.49 -13.49 8.61
C LEU B 87 10.35 -13.45 8.61
N GLY B 88 10.37 -14.70 9.10
CA GLY B 88 10.16 -15.86 8.29
C GLY B 88 10.44 -17.14 9.05
N GLU B 89 10.38 -18.27 8.34
CA GLU B 89 10.68 -19.58 8.95
C GLU B 89 12.13 -19.66 9.42
N PRO B 90 12.38 -20.45 10.46
CA PRO B 90 13.74 -20.52 11.00
C PRO B 90 14.72 -21.30 10.14
N LEU B 91 15.47 -20.61 9.31
CA LEU B 91 16.42 -21.21 8.38
C LEU B 91 17.85 -20.83 8.59
N PHE B 92 18.12 -19.71 9.25
CA PHE B 92 19.50 -19.29 9.45
C PHE B 92 20.17 -19.87 10.66
N PRO B 93 21.46 -20.25 10.52
CA PRO B 93 22.24 -20.77 11.65
C PRO B 93 22.84 -19.57 12.40
N GLY B 94 23.59 -19.82 13.46
CA GLY B 94 24.21 -18.72 14.19
C GLY B 94 23.24 -17.93 15.06
N PRO B 95 23.74 -16.81 15.61
CA PRO B 95 23.04 -15.92 16.53
C PRO B 95 22.04 -15.00 15.83
N VAL B 96 21.11 -15.64 15.12
CA VAL B 96 20.08 -14.96 14.38
C VAL B 96 18.74 -15.28 15.04
N ASP B 97 17.93 -14.27 15.27
CA ASP B 97 16.60 -14.43 15.80
C ASP B 97 15.60 -14.49 14.64
N HIS B 98 14.54 -15.27 14.84
CA HIS B 98 13.47 -15.36 13.86
C HIS B 98 12.13 -15.01 14.50
N VAL B 99 11.30 -14.29 13.75
CA VAL B 99 9.95 -13.98 14.14
C VAL B 99 9.12 -14.69 13.07
N THR B 100 8.34 -15.69 13.44
CA THR B 100 7.60 -16.48 12.48
C THR B 100 6.12 -16.55 12.77
N GLN B 102 2.27 -17.75 12.79
CA GLN B 102 1.68 -19.08 13.07
C GLN B 102 0.94 -19.64 11.85
N HIS B 103 1.71 -19.98 10.82
CA HIS B 103 1.09 -20.40 9.57
C HIS B 103 0.14 -21.58 9.67
N GLU B 104 0.60 -22.64 10.29
CA GLU B 104 -0.18 -23.84 10.37
C GLU B 104 -1.43 -23.65 11.24
N ALA B 105 -1.24 -23.08 12.44
CA ALA B 105 -2.38 -22.88 13.31
C ALA B 105 -3.42 -21.91 12.71
N ALA B 106 -2.92 -20.83 12.09
CA ALA B 106 -3.84 -19.86 11.51
C ALA B 106 -4.60 -20.49 10.34
N ALA B 107 -3.91 -21.27 9.50
CA ALA B 107 -4.59 -21.93 8.37
C ALA B 107 -5.62 -22.94 8.87
N ARG B 108 -5.32 -23.65 9.94
CA ARG B 108 -6.32 -24.58 10.52
C ARG B 108 -7.55 -23.78 11.01
N ALA B 109 -7.31 -22.70 11.73
CA ALA B 109 -8.43 -21.85 12.25
C ALA B 109 -9.25 -21.24 11.09
N ALA B 110 -8.57 -20.76 10.05
CA ALA B 110 -9.27 -20.15 8.88
C ALA B 110 -10.17 -21.22 8.22
N THR B 111 -9.62 -22.40 7.99
CA THR B 111 -10.36 -23.48 7.33
C THR B 111 -11.56 -23.89 8.24
N GLU B 112 -11.34 -24.00 9.56
CA GLU B 112 -12.40 -24.31 10.53
C GLU B 112 -13.50 -23.25 10.46
N HIS B 113 -13.15 -21.99 10.26
CA HIS B 113 -14.14 -20.91 10.13
C HIS B 113 -15.06 -21.15 8.94
N LEU B 114 -14.46 -21.49 7.81
CA LEU B 114 -15.24 -21.78 6.58
C LEU B 114 -16.07 -23.03 6.74
N LEU B 115 -15.49 -24.08 7.30
CA LEU B 115 -16.27 -25.29 7.55
C LEU B 115 -17.44 -25.08 8.52
N GLY B 116 -17.29 -24.12 9.43
CA GLY B 116 -18.31 -23.84 10.43
C GLY B 116 -19.56 -23.22 9.82
N LEU B 117 -19.41 -22.62 8.64
CA LEU B 117 -20.52 -22.08 7.93
C LEU B 117 -21.34 -23.15 7.21
N GLY B 118 -20.87 -24.40 7.21
CA GLY B 118 -21.56 -25.50 6.54
C GLY B 118 -20.96 -25.83 5.17
N ARG B 119 -19.86 -25.17 4.82
CA ARG B 119 -19.23 -25.34 3.52
C ARG B 119 -18.42 -26.64 3.53
N ARG B 120 -18.47 -27.41 2.44
CA ARG B 120 -17.79 -28.71 2.37
C ARG B 120 -16.87 -28.91 1.18
N ARG B 121 -16.75 -27.87 0.35
CA ARG B 121 -15.83 -27.87 -0.81
C ARG B 121 -14.99 -26.60 -0.73
N VAL B 122 -13.97 -26.67 0.12
CA VAL B 122 -13.12 -25.54 0.42
C VAL B 122 -11.85 -25.55 -0.46
N LEU B 124 -8.20 -24.13 -1.59
CA LEU B 124 -6.98 -23.46 -1.09
C LEU B 124 -6.35 -22.79 -2.31
N LEU B 125 -6.41 -21.46 -2.33
CA LEU B 125 -5.88 -20.71 -3.46
C LEU B 125 -4.49 -20.15 -3.14
N GLY B 126 -3.48 -20.68 -3.81
CA GLY B 126 -2.13 -20.28 -3.65
C GLY B 126 -1.12 -21.32 -3.28
N ALA B 127 -1.41 -22.59 -3.36
CA ALA B 127 -0.38 -23.61 -3.09
C ALA B 127 -0.40 -24.64 -4.22
N HIS B 128 0.75 -25.30 -4.42
CA HIS B 128 0.88 -26.39 -5.40
C HIS B 128 0.17 -27.65 -4.84
N ALA B 129 -0.52 -28.41 -5.69
CA ALA B 129 -1.24 -29.59 -5.23
C ALA B 129 -0.39 -30.79 -4.80
N THR B 130 0.84 -30.87 -5.29
CA THR B 130 1.67 -32.04 -4.98
C THR B 130 3.03 -31.76 -4.34
N GLU B 131 3.71 -30.66 -4.65
CA GLU B 131 5.02 -30.39 -4.04
C GLU B 131 5.08 -28.97 -3.54
N ARG B 132 5.13 -28.88 -2.22
CA ARG B 132 5.14 -27.62 -1.55
C ARG B 132 6.33 -27.51 -0.65
N THR B 133 6.76 -26.27 -0.47
CA THR B 133 7.84 -25.96 0.43
C THR B 133 7.44 -24.75 1.29
N GLY B 134 8.26 -24.50 2.28
CA GLY B 134 8.09 -23.40 3.15
C GLY B 134 6.71 -23.08 3.67
N VAL B 135 6.36 -21.82 3.53
CA VAL B 135 5.09 -21.30 4.07
C VAL B 135 3.91 -22.05 3.52
N ALA B 136 3.88 -22.27 2.20
CA ALA B 136 2.75 -22.99 1.60
C ALA B 136 2.58 -24.37 2.20
N ALA B 137 3.70 -25.05 2.51
CA ALA B 137 3.59 -26.37 3.11
C ALA B 137 2.93 -26.33 4.49
N LEU B 138 3.26 -25.32 5.27
CA LEU B 138 2.67 -25.17 6.63
C LEU B 138 1.19 -24.82 6.55
N ARG B 139 0.84 -23.91 5.64
CA ARG B 139 -0.56 -23.53 5.45
C ARG B 139 -1.35 -24.76 5.03
N TYR B 140 -0.83 -25.51 4.06
CA TYR B 140 -1.50 -26.73 3.62
C TYR B 140 -1.73 -27.73 4.75
N ALA B 141 -0.74 -27.89 5.61
CA ALA B 141 -0.90 -28.80 6.74
C ALA B 141 -2.10 -28.43 7.63
N GLY B 142 -2.29 -27.12 7.91
CA GLY B 142 -3.40 -26.68 8.77
C GLY B 142 -4.73 -26.92 8.07
N TYR B 143 -4.78 -26.56 6.75
CA TYR B 143 -5.96 -26.82 5.94
C TYR B 143 -6.33 -28.31 5.96
N ARG B 144 -5.36 -29.17 5.68
CA ARG B 144 -5.58 -30.59 5.65
C ARG B 144 -6.06 -31.12 7.00
N GLU B 145 -5.46 -30.69 8.09
CA GLU B 145 -5.94 -31.15 9.41
C GLU B 145 -7.40 -30.73 9.72
N ALA B 146 -7.76 -29.50 9.33
CA ALA B 146 -9.11 -29.05 9.54
C ALA B 146 -10.09 -29.93 8.74
N LEU B 147 -9.75 -30.20 7.47
CA LEU B 147 -10.63 -31.03 6.64
C LEU B 147 -10.73 -32.41 7.28
N THR B 148 -9.59 -33.00 7.67
CA THR B 148 -9.64 -34.37 8.27
C THR B 148 -10.58 -34.41 9.51
N ALA B 149 -10.47 -33.40 10.34
CA ALA B 149 -11.30 -33.35 11.57
C ALA B 149 -12.84 -33.25 11.26
N ALA B 150 -13.17 -32.74 10.08
CA ALA B 150 -14.54 -32.60 9.62
C ALA B 150 -15.00 -33.83 8.77
N GLY B 151 -14.13 -34.83 8.62
CA GLY B 151 -14.47 -36.00 7.82
C GLY B 151 -14.35 -35.81 6.32
N LEU B 152 -13.53 -34.83 5.89
CA LEU B 152 -13.30 -34.46 4.50
C LEU B 152 -11.89 -34.81 4.07
N ALA B 153 -11.73 -35.15 2.80
CA ALA B 153 -10.44 -35.45 2.21
C ALA B 153 -10.06 -34.34 1.24
N VAL B 154 -8.74 -34.16 1.05
CA VAL B 154 -8.26 -33.16 0.12
C VAL B 154 -8.46 -33.60 -1.33
N ASP B 155 -9.05 -32.70 -2.12
CA ASP B 155 -9.20 -32.92 -3.58
C ASP B 155 -8.14 -32.03 -4.24
N ASP B 156 -7.23 -32.61 -5.03
CA ASP B 156 -6.18 -31.81 -5.69
C ASP B 156 -6.74 -30.72 -6.59
N ASP B 157 -7.94 -30.90 -7.16
CA ASP B 157 -8.54 -29.86 -8.00
C ASP B 157 -8.90 -28.61 -7.20
N LEU B 158 -9.04 -28.74 -5.88
CA LEU B 158 -9.30 -27.62 -4.97
C LEU B 158 -8.03 -26.97 -4.38
N VAL B 159 -6.86 -27.47 -4.77
CA VAL B 159 -5.58 -26.91 -4.28
C VAL B 159 -4.98 -26.29 -5.55
N VAL B 160 -5.06 -24.95 -5.59
CA VAL B 160 -4.79 -24.22 -6.83
C VAL B 160 -3.52 -23.37 -6.74
N PRO B 161 -2.50 -23.71 -7.55
CA PRO B 161 -1.26 -22.92 -7.49
C PRO B 161 -1.39 -21.57 -8.21
N VAL B 162 -0.57 -20.60 -7.83
CA VAL B 162 -0.63 -19.28 -8.49
C VAL B 162 0.75 -18.80 -8.94
N GLU B 163 0.79 -17.86 -9.88
CA GLU B 163 2.09 -17.31 -10.31
C GLU B 163 2.94 -16.76 -9.14
N THR B 164 2.32 -15.86 -8.37
CA THR B 164 2.92 -15.18 -7.27
C THR B 164 1.72 -14.75 -6.43
N TRP B 165 1.92 -14.35 -5.18
CA TRP B 165 0.79 -14.03 -4.32
C TRP B 165 0.40 -12.54 -4.47
N ASP B 166 -0.27 -12.23 -5.58
CA ASP B 166 -0.68 -10.87 -5.95
C ASP B 166 -2.09 -10.85 -6.54
N ARG B 167 -2.61 -9.65 -6.73
CA ARG B 167 -3.98 -9.51 -7.14
C ARG B 167 -4.22 -10.07 -8.54
N SER B 168 -3.31 -9.80 -9.45
CA SER B 168 -3.44 -10.27 -10.82
C SER B 168 -3.47 -11.80 -10.85
N SER B 169 -2.58 -12.41 -10.09
CA SER B 169 -2.50 -13.87 -10.07
C SER B 169 -3.72 -14.51 -9.46
N GLY B 170 -4.27 -13.87 -8.43
CA GLY B 170 -5.50 -14.38 -7.83
C GLY B 170 -6.66 -14.31 -8.79
N ALA B 171 -6.77 -13.20 -9.48
CA ALA B 171 -7.85 -13.02 -10.45
C ALA B 171 -7.74 -14.03 -11.61
N GLU B 172 -6.53 -14.24 -12.08
CA GLU B 172 -6.27 -15.15 -13.22
C GLU B 172 -6.52 -16.60 -12.83
N ALA B 173 -6.06 -17.00 -11.65
CA ALA B 173 -6.25 -18.39 -11.25
C ALA B 173 -7.72 -18.68 -10.93
N ALA B 175 -10.33 -17.07 -12.15
CA ALA B 175 -11.08 -17.09 -13.39
C ALA B 175 -10.96 -18.44 -14.13
N ARG B 176 -9.76 -19.02 -14.11
CA ARG B 176 -9.46 -20.27 -14.79
C ARG B 176 -10.26 -21.41 -14.17
N VAL B 177 -10.33 -21.47 -12.83
CA VAL B 177 -11.04 -22.63 -12.23
C VAL B 177 -12.55 -22.42 -12.40
N LEU B 178 -13.03 -21.17 -12.33
CA LEU B 178 -14.46 -20.91 -12.47
C LEU B 178 -14.91 -21.26 -13.90
N ASP B 179 -14.17 -20.81 -14.90
CA ASP B 179 -14.56 -21.11 -16.29
C ASP B 179 -14.44 -22.63 -16.63
N ALA B 180 -13.55 -23.34 -15.93
CA ALA B 180 -13.38 -24.76 -16.06
C ALA B 180 -14.50 -25.55 -15.46
N GLY B 181 -15.33 -24.94 -14.60
CA GLY B 181 -16.44 -25.67 -13.99
C GLY B 181 -16.14 -26.37 -12.66
N VAL B 182 -15.00 -26.07 -12.03
CA VAL B 182 -14.68 -26.65 -10.71
C VAL B 182 -15.74 -26.14 -9.71
N ARG B 183 -16.28 -27.04 -8.90
CA ARG B 183 -17.31 -26.69 -7.91
C ARG B 183 -16.68 -26.53 -6.55
N ASP B 185 -17.46 -24.24 -2.63
CA ASP B 185 -18.40 -23.41 -1.84
C ASP B 185 -17.66 -22.43 -0.91
N ALA B 186 -16.33 -22.45 -0.93
CA ALA B 186 -15.52 -21.55 -0.14
C ALA B 186 -14.13 -21.51 -0.75
N VAL B 187 -13.44 -20.40 -0.46
CA VAL B 187 -12.08 -20.18 -0.88
C VAL B 187 -11.27 -19.56 0.26
N PHE B 188 -10.18 -20.22 0.60
CA PHE B 188 -9.17 -19.70 1.50
C PHE B 188 -7.94 -19.32 0.67
N ALA B 189 -7.74 -18.02 0.47
CA ALA B 189 -6.61 -17.49 -0.28
C ALA B 189 -5.40 -17.23 0.63
N ASN B 191 -3.16 -14.97 0.72
CA ASN B 191 -3.02 -13.62 1.22
C ASN B 191 -4.21 -12.79 0.73
N ASP B 192 -4.33 -11.59 1.28
CA ASP B 192 -5.43 -10.71 0.97
C ASP B 192 -5.37 -10.29 -0.49
N ASP B 193 -4.19 -10.05 -1.03
CA ASP B 193 -4.07 -9.66 -2.47
C ASP B 193 -4.68 -10.76 -3.36
N LEU B 194 -4.31 -12.03 -3.13
CA LEU B 194 -4.93 -13.12 -3.87
C LEU B 194 -6.45 -13.12 -3.72
N ALA B 195 -6.93 -12.93 -2.47
CA ALA B 195 -8.33 -12.92 -2.22
C ALA B 195 -9.05 -11.82 -2.95
N LEU B 196 -8.45 -10.63 -2.96
CA LEU B 196 -9.09 -9.46 -3.64
C LEU B 196 -9.18 -9.69 -5.18
N GLY B 197 -8.16 -10.30 -5.77
CA GLY B 197 -8.19 -10.64 -7.17
C GLY B 197 -9.29 -11.69 -7.42
N ALA B 198 -9.34 -12.70 -6.55
CA ALA B 198 -10.36 -13.75 -6.65
C ALA B 198 -11.77 -13.18 -6.56
N LEU B 199 -11.95 -12.20 -5.68
CA LEU B 199 -13.26 -11.56 -5.50
C LEU B 199 -13.74 -10.98 -6.85
N ARG B 200 -12.87 -10.26 -7.55
CA ARG B 200 -13.25 -9.68 -8.83
C ARG B 200 -13.70 -10.78 -9.80
N SER B 201 -12.95 -11.89 -9.87
CA SER B 201 -13.31 -12.96 -10.81
C SER B 201 -14.65 -13.60 -10.49
N LEU B 202 -14.96 -13.71 -9.19
CA LEU B 202 -16.25 -14.23 -8.73
C LEU B 202 -17.36 -13.23 -9.09
N GLN B 203 -17.14 -11.96 -8.77
CA GLN B 203 -18.19 -10.93 -9.00
C GLN B 203 -18.49 -10.72 -10.48
N GLU B 204 -17.45 -10.76 -11.30
CA GLU B 204 -17.67 -10.51 -12.73
C GLU B 204 -18.49 -11.63 -13.42
N ARG B 205 -18.56 -12.76 -12.75
CA ARG B 205 -19.34 -13.93 -13.17
C ARG B 205 -20.67 -14.12 -12.45
N GLY B 206 -21.03 -13.15 -11.60
CA GLY B 206 -22.28 -13.17 -10.86
C GLY B 206 -22.34 -14.19 -9.77
N VAL B 207 -21.17 -14.63 -9.28
CA VAL B 207 -21.14 -15.61 -8.20
C VAL B 207 -21.29 -14.80 -6.90
N ALA B 208 -22.30 -15.12 -6.11
CA ALA B 208 -22.58 -14.42 -4.83
C ALA B 208 -21.50 -14.81 -3.77
N VAL B 209 -21.00 -13.78 -3.08
CA VAL B 209 -20.05 -13.95 -2.00
C VAL B 209 -20.70 -13.22 -0.80
N PRO B 210 -21.01 -13.94 0.27
CA PRO B 210 -20.75 -15.32 0.58
C PRO B 210 -21.77 -16.35 0.14
N GLY B 211 -22.88 -15.93 -0.43
CA GLY B 211 -23.99 -16.84 -0.72
C GLY B 211 -23.68 -18.13 -1.44
N ASP B 212 -22.88 -18.02 -2.50
CA ASP B 212 -22.46 -19.17 -3.25
C ASP B 212 -21.07 -19.60 -2.79
N VAL B 213 -20.17 -18.62 -2.62
CA VAL B 213 -18.83 -18.94 -2.23
C VAL B 213 -18.35 -18.01 -1.13
N ALA B 214 -18.03 -18.57 0.03
CA ALA B 214 -17.45 -17.79 1.12
C ALA B 214 -15.96 -17.58 0.84
N LEU B 215 -15.45 -16.40 1.14
CA LEU B 215 -14.08 -16.08 0.80
C LEU B 215 -13.32 -15.44 1.93
N GLY B 217 -9.07 -14.22 3.23
CA GLY B 217 -7.68 -14.08 2.97
C GLY B 217 -6.82 -14.23 4.20
N PHE B 218 -5.67 -13.59 4.19
CA PHE B 218 -4.68 -13.65 5.26
C PHE B 218 -3.78 -12.42 5.07
N ASP B 219 -3.67 -11.59 6.11
CA ASP B 219 -2.76 -10.39 6.20
C ASP B 219 -3.41 -9.15 6.82
N ASP B 220 -4.70 -9.01 6.68
CA ASP B 220 -5.45 -7.83 7.18
C ASP B 220 -4.93 -6.49 6.57
N VAL B 221 -4.91 -6.43 5.25
CA VAL B 221 -4.60 -5.20 4.57
C VAL B 221 -5.81 -4.26 4.62
N ALA B 222 -5.55 -2.96 4.58
CA ALA B 222 -6.64 -1.98 4.73
C ALA B 222 -7.74 -2.12 3.70
N ASP B 223 -7.37 -2.49 2.48
CA ASP B 223 -8.36 -2.51 1.41
C ASP B 223 -9.53 -3.45 1.67
N GLY B 224 -9.30 -4.50 2.42
CA GLY B 224 -10.34 -5.51 2.69
C GLY B 224 -11.52 -4.98 3.53
N ARG B 225 -11.34 -3.85 4.22
CA ARG B 225 -12.46 -3.27 4.98
C ARG B 225 -13.50 -2.62 4.07
N TYR B 226 -13.13 -2.27 2.81
CA TYR B 226 -14.02 -1.48 1.98
C TYR B 226 -14.49 -2.10 0.69
N THR B 227 -14.15 -3.35 0.47
CA THR B 227 -14.78 -4.08 -0.62
C THR B 227 -16.25 -4.32 -0.22
N TYR B 228 -17.06 -4.82 -1.17
CA TYR B 228 -18.48 -5.13 -0.93
C TYR B 228 -18.75 -6.47 -1.59
N PRO B 229 -18.70 -7.58 -0.82
CA PRO B 229 -18.52 -7.68 0.62
C PRO B 229 -17.15 -7.32 1.15
N SER B 230 -17.11 -6.86 2.39
CA SER B 230 -15.85 -6.66 3.10
C SER B 230 -15.20 -8.04 3.32
N LEU B 231 -13.87 -8.08 3.35
CA LEU B 231 -13.14 -9.33 3.30
C LEU B 231 -12.76 -9.90 4.67
N THR B 232 -13.22 -11.10 5.01
CA THR B 232 -12.73 -11.80 6.21
C THR B 232 -11.26 -12.14 5.97
N THR B 233 -10.47 -12.03 7.04
CA THR B 233 -9.04 -12.19 6.93
C THR B 233 -8.47 -12.68 8.28
N VAL B 234 -7.17 -12.86 8.27
CA VAL B 234 -6.38 -13.19 9.42
C VAL B 234 -5.37 -12.07 9.64
N GLU B 235 -5.31 -11.54 10.85
CA GLU B 235 -4.28 -10.54 11.22
C GLU B 235 -3.21 -11.40 11.90
N PRO B 236 -2.02 -11.48 11.31
CA PRO B 236 -1.00 -12.42 11.82
C PRO B 236 -0.12 -11.88 12.95
N GLY B 237 -0.40 -10.68 13.39
CA GLY B 237 0.32 -10.07 14.51
C GLY B 237 1.31 -9.00 14.17
N ARG B 238 0.95 -8.06 13.29
CA ARG B 238 1.91 -7.05 12.83
C ARG B 238 2.55 -6.22 13.94
N HIS B 239 1.77 -5.85 14.99
CA HIS B 239 2.35 -5.04 16.08
C HIS B 239 3.42 -5.80 16.83
N ASP B 240 3.17 -7.07 17.16
CA ASP B 240 4.17 -7.90 17.86
C ASP B 240 5.33 -8.21 16.93
N ILE B 241 5.07 -8.49 15.64
CA ILE B 241 6.15 -8.78 14.72
C ILE B 241 7.13 -7.61 14.73
N ALA B 242 6.62 -6.41 14.52
CA ALA B 242 7.49 -5.21 14.46
C ALA B 242 8.21 -4.94 15.76
N ARG B 243 7.47 -5.00 16.85
CA ARG B 243 8.09 -4.71 18.12
C ARG B 243 9.12 -5.73 18.53
N ALA B 244 8.79 -7.00 18.37
CA ALA B 244 9.73 -8.06 18.68
C ALA B 244 11.02 -7.93 17.88
N ALA B 245 10.86 -7.67 16.59
CA ALA B 245 12.00 -7.59 15.71
C ALA B 245 12.94 -6.46 16.06
N VAL B 246 12.38 -5.27 16.21
CA VAL B 246 13.20 -4.12 16.49
C VAL B 246 13.86 -4.26 17.87
N THR B 247 13.08 -4.71 18.84
CA THR B 247 13.62 -4.84 20.19
C THR B 247 14.76 -5.89 20.26
N LEU B 249 16.68 -6.80 17.77
CA LEU B 249 17.82 -6.27 17.01
C LEU B 249 18.63 -5.32 17.90
N SER B 250 17.91 -4.46 18.65
CA SER B 250 18.53 -3.52 19.58
C SER B 250 19.39 -4.31 20.57
N GLU B 251 18.87 -5.46 21.05
CA GLU B 251 19.67 -6.30 21.99
C GLU B 251 20.98 -6.84 21.39
N ARG B 252 20.90 -7.38 20.17
CA ARG B 252 22.08 -7.93 19.45
C ARG B 252 23.13 -6.87 19.14
N ILE B 253 22.66 -5.68 18.74
CA ILE B 253 23.55 -4.55 18.45
C ILE B 253 24.35 -4.23 19.68
N ALA B 254 23.71 -4.14 20.86
CA ALA B 254 24.49 -3.82 22.06
C ALA B 254 25.50 -4.89 22.43
N ASP B 255 25.22 -6.13 22.07
CA ASP B 255 26.13 -7.24 22.37
C ASP B 255 27.35 -7.32 21.48
N ALA B 256 27.33 -6.69 20.32
CA ALA B 256 28.50 -6.67 19.44
C ALA B 256 29.15 -8.07 19.16
N GLY B 257 28.27 -9.03 18.86
CA GLY B 257 28.65 -10.37 18.42
C GLY B 257 29.16 -11.40 19.41
N THR B 258 28.86 -11.23 20.69
CA THR B 258 29.26 -12.24 21.66
C THR B 258 28.42 -13.49 21.42
N GLY B 259 27.20 -13.33 20.87
CA GLY B 259 26.29 -14.48 20.64
C GLY B 259 25.92 -15.10 21.97
N ALA B 260 26.01 -14.29 23.05
CA ALA B 260 25.70 -14.72 24.42
C ALA B 260 24.21 -15.02 24.54
N ILE B 261 23.41 -14.31 23.73
CA ILE B 261 21.96 -14.54 23.68
C ILE B 261 21.75 -15.69 22.71
N GLU B 262 21.16 -16.77 23.18
CA GLU B 262 20.93 -17.87 22.25
C GLU B 262 19.90 -17.42 21.21
N PRO B 263 19.93 -18.02 20.03
CA PRO B 263 18.97 -17.67 19.02
C PRO B 263 17.55 -17.87 19.56
N ARG B 264 16.67 -16.93 19.22
CA ARG B 264 15.29 -17.00 19.66
C ARG B 264 14.32 -17.21 18.55
N LEU B 265 13.20 -17.83 18.88
CA LEU B 265 12.13 -18.10 17.96
C LEU B 265 10.86 -17.50 18.53
N THR B 266 10.37 -16.43 17.94
CA THR B 266 9.15 -15.75 18.38
C THR B 266 8.01 -16.13 17.43
N ALA B 267 6.84 -16.36 17.97
CA ALA B 267 5.66 -16.76 17.17
C ALA B 267 4.45 -15.94 17.56
N PRO B 268 4.25 -14.76 16.93
CA PRO B 268 3.14 -13.88 17.32
C PRO B 268 1.79 -14.53 17.21
N GLU B 269 0.91 -14.11 18.10
CA GLU B 269 -0.48 -14.59 18.10
C GLU B 269 -1.25 -13.96 16.89
N PHE B 270 -2.13 -14.76 16.31
CA PHE B 270 -2.98 -14.33 15.23
C PHE B 270 -4.40 -14.18 15.67
N ARG B 271 -5.16 -13.47 14.86
CA ARG B 271 -6.60 -13.23 15.13
C ARG B 271 -7.37 -13.27 13.82
N LEU B 272 -8.48 -14.00 13.80
CA LEU B 272 -9.39 -13.96 12.66
C LEU B 272 -10.24 -12.67 12.76
N VAL B 273 -10.33 -11.96 11.64
CA VAL B 273 -11.14 -10.75 11.53
C VAL B 273 -12.34 -11.11 10.64
N VAL B 274 -13.52 -11.21 11.26
CA VAL B 274 -14.73 -11.64 10.57
C VAL B 274 -15.42 -10.45 9.91
N ARG B 275 -15.57 -10.58 8.57
CA ARG B 275 -16.26 -9.57 7.79
C ARG B 275 -17.40 -10.17 6.96
N GLU B 276 -17.92 -9.44 6.00
CA GLU B 276 -19.11 -9.87 5.28
C GLU B 276 -18.89 -11.07 4.34
N SER B 277 -17.65 -11.26 3.90
CA SER B 277 -17.37 -12.30 2.88
C SER B 277 -17.47 -13.72 3.38
N THR B 278 -17.62 -13.90 4.71
CA THR B 278 -17.93 -15.19 5.36
C THR B 278 -19.18 -15.12 6.25
N GLY B 279 -20.00 -14.09 6.09
CA GLY B 279 -21.29 -13.93 6.80
C GLY B 279 -21.36 -13.02 8.04
N GLY B 280 -20.23 -12.46 8.49
CA GLY B 280 -20.24 -11.60 9.70
C GLY B 280 -20.48 -12.47 10.94
#